data_6RY5
#
_entry.id   6RY5
#
_cell.length_a   83.415
_cell.length_b   55.019
_cell.length_c   80.119
_cell.angle_alpha   90.00
_cell.angle_beta   90.37
_cell.angle_gamma   90.00
#
_symmetry.space_group_name_H-M   'C 1 2 1'
#
loop_
_entity.id
_entity.type
_entity.pdbx_description
1 polymer 'Mannan endo-1,6-alpha-mannosidase'
2 branched alpha-D-mannopyranose-(1-6)-beta-D-mannopyranose
3 non-polymer 'CALCIUM ION'
4 non-polymer 'TRIETHYLENE GLYCOL'
5 water water
#
_entity_poly.entity_id   1
_entity_poly.type   'polypeptide(L)'
_entity_poly.pdbx_seq_one_letter_code
;MGSSHHHHHHSSGLVPRGSHMASQQQYYKIDTKEEILESARTLAYDMMLFYKGNQSGEIPGILPGPPTEHKGDYYWWEGG
AMMGTYVDYWHLTGDPSYNHVIMEGMLHQVGPNADYQPPNHTASLGNDDQGFWGMSAMLAAENKFPNPPDDKPQWLALAQ
AVWTTQASPERHDGTCNGGLRWQIPPTNAGYNYKNTIANACFFDLGARLARYTKNNTYAEWAEKIFDWLYAVGYIDHETW
AVYDGGHVEHNCTDINRAQFSYNAALLLHGAAFMWNYTEDQKWKDRVDNLLTGILRDFFKDGVVFEIPCEGRQGACTADM
LTFKGYVHRWMAVVTQIAPHTKDRILPVLRTSAEAAVKQCVGPPTGRRCGFYWKSGKFVDPSVDHTSGAGEAMSVLAAVS
SLLIEYAEPPATNETGISRGDPNAGMRSRGAAQHFREINAGDR
;
_entity_poly.pdbx_strand_id   A
#
loop_
_chem_comp.id
_chem_comp.type
_chem_comp.name
_chem_comp.formula
BMA D-saccharide, beta linking beta-D-mannopyranose 'C6 H12 O6'
CA non-polymer 'CALCIUM ION' 'Ca 2'
MAN D-saccharide, alpha linking alpha-D-mannopyranose 'C6 H12 O6'
PGE non-polymer 'TRIETHYLENE GLYCOL' 'C6 H14 O4'
#
# COMPACT_ATOMS: atom_id res chain seq x y z
N GLN A 26 11.20 -15.69 -22.06
CA GLN A 26 10.19 -15.13 -21.14
C GLN A 26 8.80 -15.66 -21.49
N TYR A 27 7.95 -15.79 -20.50
CA TYR A 27 6.62 -16.34 -20.65
C TYR A 27 5.56 -15.27 -20.91
N TYR A 28 5.57 -14.20 -20.13
CA TYR A 28 4.60 -13.13 -20.23
C TYR A 28 5.01 -12.12 -21.29
N LYS A 29 4.06 -11.71 -22.11
N LYS A 29 4.07 -11.73 -22.14
CA LYS A 29 4.27 -10.64 -23.08
CA LYS A 29 4.27 -10.64 -23.09
C LYS A 29 3.58 -9.37 -22.60
C LYS A 29 3.60 -9.37 -22.58
N ILE A 30 4.25 -8.23 -22.79
CA ILE A 30 3.69 -6.97 -22.32
C ILE A 30 3.90 -5.83 -23.34
N ASP A 31 3.97 -6.17 -24.62
CA ASP A 31 4.32 -5.15 -25.60
C ASP A 31 3.17 -4.36 -26.13
N THR A 32 1.97 -4.89 -25.97
CA THR A 32 0.77 -4.16 -26.38
C THR A 32 -0.27 -4.23 -25.25
N LYS A 33 -1.31 -3.40 -25.37
CA LYS A 33 -2.40 -3.40 -24.38
C LYS A 33 -3.03 -4.80 -24.21
N GLU A 34 -3.27 -5.44 -25.33
N GLU A 34 -3.35 -5.48 -25.30
CA GLU A 34 -3.89 -6.75 -25.34
CA GLU A 34 -3.99 -6.79 -25.14
C GLU A 34 -3.02 -7.79 -24.64
C GLU A 34 -3.01 -7.84 -24.58
N GLU A 35 -1.72 -7.73 -24.89
CA GLU A 35 -0.78 -8.64 -24.25
C GLU A 35 -0.71 -8.37 -22.75
N ILE A 36 -0.68 -7.11 -22.37
CA ILE A 36 -0.63 -6.75 -20.95
C ILE A 36 -1.86 -7.27 -20.26
N LEU A 37 -3.04 -7.08 -20.86
CA LEU A 37 -4.26 -7.59 -20.25
C LEU A 37 -4.20 -9.09 -20.04
N GLU A 38 -3.74 -9.82 -21.05
CA GLU A 38 -3.65 -11.26 -20.91
C GLU A 38 -2.67 -11.67 -19.82
N SER A 39 -1.50 -11.03 -19.81
CA SER A 39 -0.52 -11.33 -18.79
C SER A 39 -1.05 -11.01 -17.39
N ALA A 40 -1.71 -9.86 -17.24
CA ALA A 40 -2.25 -9.50 -15.95
C ALA A 40 -3.29 -10.52 -15.49
N ARG A 41 -4.12 -10.98 -16.43
N ARG A 41 -4.12 -10.98 -16.43
CA ARG A 41 -5.18 -11.95 -16.06
CA ARG A 41 -5.18 -11.96 -16.09
C ARG A 41 -4.54 -13.25 -15.57
C ARG A 41 -4.55 -13.25 -15.58
N THR A 42 -3.47 -13.70 -16.20
CA THR A 42 -2.79 -14.92 -15.74
C THR A 42 -2.08 -14.70 -14.41
N LEU A 43 -1.45 -13.56 -14.24
CA LEU A 43 -0.85 -13.19 -12.98
C LEU A 43 -1.86 -13.10 -11.85
N ALA A 44 -3.08 -12.63 -12.15
CA ALA A 44 -4.14 -12.54 -11.17
C ALA A 44 -4.57 -13.94 -10.73
N TYR A 45 -4.60 -14.87 -11.69
CA TYR A 45 -4.89 -16.26 -11.39
C TYR A 45 -3.81 -16.85 -10.49
N ASP A 46 -2.54 -16.67 -10.84
CA ASP A 46 -1.47 -17.30 -10.05
C ASP A 46 -1.40 -16.73 -8.64
N MET A 47 -1.62 -15.43 -8.49
N MET A 47 -1.64 -15.43 -8.47
CA MET A 47 -1.65 -14.78 -7.15
CA MET A 47 -1.65 -14.86 -7.14
C MET A 47 -2.82 -15.38 -6.34
C MET A 47 -2.83 -15.44 -6.34
N MET A 48 -3.97 -15.58 -6.98
N MET A 48 -3.97 -15.60 -6.98
CA MET A 48 -5.19 -16.09 -6.31
CA MET A 48 -5.18 -16.11 -6.29
C MET A 48 -4.94 -17.51 -5.78
C MET A 48 -4.94 -17.53 -5.79
N LEU A 49 -4.10 -18.32 -6.43
CA LEU A 49 -3.83 -19.67 -5.94
C LEU A 49 -3.29 -19.68 -4.52
N PHE A 50 -2.63 -18.62 -4.08
CA PHE A 50 -2.12 -18.56 -2.71
C PHE A 50 -3.25 -18.38 -1.69
N TYR A 51 -4.36 -17.81 -2.13
CA TYR A 51 -5.45 -17.39 -1.27
C TYR A 51 -6.48 -18.50 -1.11
N LYS A 52 -6.79 -18.87 0.14
CA LYS A 52 -7.75 -19.91 0.43
C LYS A 52 -9.00 -19.41 1.12
N GLY A 53 -9.11 -18.10 1.30
CA GLY A 53 -10.10 -17.58 2.21
C GLY A 53 -11.52 -17.66 1.73
N ASN A 54 -11.71 -17.90 0.45
CA ASN A 54 -13.05 -18.10 -0.09
C ASN A 54 -13.48 -19.56 -0.04
N GLN A 55 -12.62 -20.46 0.43
CA GLN A 55 -12.96 -21.89 0.50
C GLN A 55 -13.63 -22.22 1.82
N SER A 56 -14.46 -23.25 1.79
CA SER A 56 -15.19 -23.67 2.96
C SER A 56 -14.23 -23.93 4.11
N GLY A 57 -14.54 -23.39 5.28
CA GLY A 57 -13.74 -23.63 6.47
C GLY A 57 -12.57 -22.65 6.64
N GLU A 58 -12.36 -21.74 5.69
CA GLU A 58 -11.24 -20.79 5.75
C GLU A 58 -11.75 -19.40 6.08
N ILE A 59 -10.81 -18.51 6.35
CA ILE A 59 -11.14 -17.17 6.80
C ILE A 59 -10.97 -16.17 5.66
N PRO A 60 -12.06 -15.52 5.24
CA PRO A 60 -11.90 -14.55 4.16
C PRO A 60 -11.00 -13.38 4.55
N GLY A 61 -10.24 -12.90 3.59
CA GLY A 61 -9.48 -11.67 3.70
C GLY A 61 -8.05 -11.83 4.09
N ILE A 62 -7.63 -13.03 4.43
CA ILE A 62 -6.22 -13.26 4.80
C ILE A 62 -5.58 -14.30 3.94
N LEU A 63 -4.29 -14.10 3.75
CA LEU A 63 -3.41 -15.11 3.20
C LEU A 63 -3.06 -16.12 4.30
N PRO A 64 -2.46 -17.25 3.95
CA PRO A 64 -2.13 -18.24 4.98
C PRO A 64 -1.18 -17.65 6.03
N GLY A 65 -1.48 -17.89 7.30
CA GLY A 65 -0.70 -17.32 8.37
C GLY A 65 -1.59 -17.08 9.56
N PRO A 66 -1.05 -16.45 10.60
CA PRO A 66 0.30 -15.87 10.64
C PRO A 66 1.39 -16.89 10.94
N PRO A 67 2.65 -16.52 10.68
CA PRO A 67 3.75 -17.45 10.92
C PRO A 67 3.97 -17.71 12.39
N THR A 68 3.52 -16.81 13.25
CA THR A 68 3.58 -16.98 14.69
C THR A 68 2.74 -18.18 15.15
N GLU A 69 1.75 -18.59 14.35
CA GLU A 69 0.93 -19.79 14.64
C GLU A 69 1.25 -20.97 13.71
N HIS A 70 2.29 -20.81 12.93
CA HIS A 70 2.71 -21.85 11.98
C HIS A 70 1.58 -22.26 11.01
N LYS A 71 0.79 -21.27 10.63
CA LYS A 71 -0.32 -21.46 9.69
C LYS A 71 0.04 -21.04 8.28
N GLY A 72 1.21 -20.44 8.11
CA GLY A 72 1.61 -19.92 6.82
C GLY A 72 2.53 -18.74 7.03
N ASP A 73 2.94 -18.12 5.93
CA ASP A 73 4.02 -17.15 5.95
C ASP A 73 3.60 -15.73 6.22
N TYR A 74 2.32 -15.41 6.16
CA TYR A 74 1.86 -14.03 5.96
C TYR A 74 1.05 -13.50 7.12
N TYR A 75 1.22 -12.22 7.35
CA TYR A 75 0.47 -11.51 8.37
C TYR A 75 -0.80 -10.88 7.82
N TRP A 76 -1.70 -10.56 8.73
CA TRP A 76 -3.03 -9.99 8.44
C TRP A 76 -2.96 -8.80 7.51
N TRP A 77 -2.04 -7.87 7.74
CA TRP A 77 -2.01 -6.67 6.90
C TRP A 77 -1.78 -6.99 5.42
N GLU A 78 -1.06 -8.10 5.16
CA GLU A 78 -0.77 -8.47 3.79
C GLU A 78 -2.02 -8.94 3.07
N GLY A 79 -2.99 -9.46 3.80
CA GLY A 79 -4.29 -9.71 3.23
C GLY A 79 -4.95 -8.44 2.76
N GLY A 80 -4.85 -7.40 3.56
CA GLY A 80 -5.38 -6.11 3.19
C GLY A 80 -4.71 -5.54 1.96
N ALA A 81 -3.39 -5.73 1.89
CA ALA A 81 -2.64 -5.34 0.70
C ALA A 81 -3.09 -6.11 -0.52
N MET A 82 -3.30 -7.39 -0.39
CA MET A 82 -3.80 -8.19 -1.49
C MET A 82 -5.17 -7.67 -1.97
N MET A 83 -6.07 -7.39 -1.02
CA MET A 83 -7.41 -6.89 -1.42
C MET A 83 -7.26 -5.67 -2.29
N GLY A 84 -6.43 -4.71 -1.83
CA GLY A 84 -6.25 -3.48 -2.58
C GLY A 84 -5.66 -3.75 -3.97
N THR A 85 -4.72 -4.69 -4.04
CA THR A 85 -4.12 -5.04 -5.34
C THR A 85 -5.21 -5.50 -6.32
N TYR A 86 -6.19 -6.25 -5.84
CA TYR A 86 -7.26 -6.70 -6.70
C TYR A 86 -8.30 -5.65 -7.03
N VAL A 87 -8.52 -4.70 -6.11
CA VAL A 87 -9.37 -3.56 -6.45
C VAL A 87 -8.72 -2.79 -7.60
N ASP A 88 -7.40 -2.58 -7.50
CA ASP A 88 -6.67 -1.95 -8.59
C ASP A 88 -6.70 -2.79 -9.87
N TYR A 89 -6.50 -4.10 -9.75
CA TYR A 89 -6.52 -4.99 -10.91
C TYR A 89 -7.83 -4.80 -11.70
N TRP A 90 -8.97 -4.82 -11.04
CA TRP A 90 -10.21 -4.63 -11.73
C TRP A 90 -10.31 -3.24 -12.35
N HIS A 91 -9.88 -2.23 -11.61
CA HIS A 91 -9.90 -0.87 -12.12
C HIS A 91 -9.05 -0.73 -13.40
N LEU A 92 -7.91 -1.39 -13.44
CA LEU A 92 -6.97 -1.22 -14.51
C LEU A 92 -7.28 -2.08 -15.72
N THR A 93 -7.89 -3.24 -15.49
CA THR A 93 -8.13 -4.21 -16.56
C THR A 93 -9.57 -4.31 -16.99
N GLY A 94 -10.50 -3.95 -16.12
CA GLY A 94 -11.91 -4.17 -16.37
C GLY A 94 -12.39 -5.58 -16.03
N ASP A 95 -11.53 -6.45 -15.57
CA ASP A 95 -11.89 -7.84 -15.30
C ASP A 95 -12.48 -7.92 -13.88
N PRO A 96 -13.79 -8.21 -13.77
CA PRO A 96 -14.44 -8.27 -12.45
C PRO A 96 -14.47 -9.65 -11.81
N SER A 97 -13.75 -10.61 -12.40
CA SER A 97 -13.82 -11.99 -12.00
C SER A 97 -13.65 -12.23 -10.51
N TYR A 98 -12.76 -11.48 -9.86
CA TYR A 98 -12.46 -11.68 -8.44
C TYR A 98 -13.20 -10.74 -7.51
N ASN A 99 -14.05 -9.88 -8.06
CA ASN A 99 -14.65 -8.84 -7.23
C ASN A 99 -15.45 -9.39 -6.07
N HIS A 100 -16.18 -10.47 -6.25
CA HIS A 100 -16.95 -11.01 -5.13
C HIS A 100 -16.07 -11.52 -4.02
N VAL A 101 -15.00 -12.19 -4.37
CA VAL A 101 -14.08 -12.75 -3.39
C VAL A 101 -13.43 -11.60 -2.59
N ILE A 102 -13.08 -10.53 -3.30
CA ILE A 102 -12.42 -9.42 -2.66
C ILE A 102 -13.38 -8.65 -1.75
N MET A 103 -14.61 -8.43 -2.21
CA MET A 103 -15.59 -7.78 -1.33
CA MET A 103 -15.69 -7.85 -1.40
C MET A 103 -15.78 -8.60 -0.06
N GLU A 104 -15.91 -9.92 -0.18
CA GLU A 104 -16.08 -10.78 0.99
C GLU A 104 -14.91 -10.63 1.96
N GLY A 105 -13.69 -10.68 1.42
CA GLY A 105 -12.51 -10.56 2.23
C GLY A 105 -12.42 -9.22 2.95
N MET A 106 -12.67 -8.14 2.22
CA MET A 106 -12.66 -6.80 2.80
CA MET A 106 -12.61 -6.82 2.82
C MET A 106 -13.66 -6.68 3.92
N LEU A 107 -14.86 -7.16 3.69
CA LEU A 107 -15.92 -7.04 4.69
C LEU A 107 -15.71 -7.92 5.89
N HIS A 108 -15.05 -9.06 5.74
CA HIS A 108 -14.90 -9.96 6.87
C HIS A 108 -13.98 -9.41 7.93
N GLN A 109 -13.07 -8.55 7.55
CA GLN A 109 -12.01 -8.09 8.43
C GLN A 109 -12.26 -6.74 9.12
N VAL A 110 -13.45 -6.18 8.94
CA VAL A 110 -13.74 -4.83 9.42
C VAL A 110 -13.81 -4.68 10.94
N GLY A 111 -14.05 -5.78 11.66
CA GLY A 111 -14.19 -5.77 13.10
C GLY A 111 -15.59 -5.32 13.51
N PRO A 112 -15.94 -5.53 14.78
CA PRO A 112 -17.27 -5.17 15.27
C PRO A 112 -17.63 -3.70 15.16
N ASN A 113 -16.64 -2.84 15.18
CA ASN A 113 -16.86 -1.39 15.11
C ASN A 113 -16.56 -0.82 13.75
N ALA A 114 -16.43 -1.68 12.72
CA ALA A 114 -16.32 -1.22 11.33
C ALA A 114 -15.18 -0.22 11.18
N ASP A 115 -14.02 -0.58 11.72
CA ASP A 115 -12.87 0.29 11.78
C ASP A 115 -11.55 -0.42 11.52
N TYR A 116 -11.64 -1.67 11.04
CA TYR A 116 -10.44 -2.46 10.78
C TYR A 116 -9.60 -2.64 12.05
N GLN A 117 -10.28 -2.81 13.19
CA GLN A 117 -9.64 -3.20 14.42
C GLN A 117 -10.27 -4.45 15.00
N PRO A 118 -10.32 -5.54 14.23
CA PRO A 118 -10.87 -6.76 14.80
C PRO A 118 -9.98 -7.26 15.98
N PRO A 119 -10.56 -7.55 17.15
CA PRO A 119 -9.70 -7.77 18.34
C PRO A 119 -8.99 -9.11 18.33
N ASN A 120 -9.50 -10.04 17.54
CA ASN A 120 -8.82 -11.35 17.45
C ASN A 120 -7.39 -11.07 16.92
N HIS A 121 -7.23 -9.92 16.25
CA HIS A 121 -5.94 -9.55 15.64
C HIS A 121 -5.15 -8.50 16.38
N THR A 122 -5.37 -8.38 17.67
CA THR A 122 -4.67 -7.34 18.46
C THR A 122 -3.13 -7.31 18.25
N ALA A 123 -2.46 -8.44 18.15
CA ALA A 123 -1.02 -8.46 17.90
C ALA A 123 -0.62 -7.82 16.54
N SER A 124 -1.57 -7.82 15.62
CA SER A 124 -1.41 -7.24 14.30
C SER A 124 -1.98 -5.85 14.23
N LEU A 125 -2.35 -5.29 15.37
CA LEU A 125 -2.91 -3.96 15.37
C LEU A 125 -1.89 -2.85 15.49
N GLY A 126 -1.25 -2.56 14.39
CA GLY A 126 -0.35 -1.46 14.30
C GLY A 126 -1.13 -0.43 13.50
N ASN A 127 -0.75 0.83 13.62
CA ASN A 127 -1.38 1.87 12.83
C ASN A 127 -1.16 1.62 11.34
N ASP A 128 -0.01 1.08 10.99
CA ASP A 128 0.24 0.69 9.63
C ASP A 128 -0.66 -0.45 9.14
N ASP A 129 -0.80 -1.50 9.95
CA ASP A 129 -1.62 -2.61 9.54
C ASP A 129 -3.07 -2.15 9.30
N GLN A 130 -3.62 -1.43 10.29
CA GLN A 130 -4.96 -0.86 10.16
C GLN A 130 -5.03 0.08 8.94
N GLY A 131 -3.98 0.87 8.80
CA GLY A 131 -3.86 1.81 7.71
C GLY A 131 -3.93 1.19 6.35
N PHE A 132 -3.26 0.04 6.17
CA PHE A 132 -3.31 -0.62 4.86
C PHE A 132 -4.69 -1.08 4.49
N TRP A 133 -5.44 -1.60 5.48
CA TRP A 133 -6.83 -1.95 5.24
C TRP A 133 -7.66 -0.70 4.90
N GLY A 134 -7.45 0.37 5.66
CA GLY A 134 -8.14 1.62 5.36
C GLY A 134 -7.85 2.15 3.98
N MET A 135 -6.58 2.06 3.56
N MET A 135 -6.58 2.01 3.57
CA MET A 135 -6.18 2.47 2.21
CA MET A 135 -6.18 2.45 2.25
C MET A 135 -6.87 1.62 1.15
C MET A 135 -6.83 1.62 1.15
N SER A 136 -7.02 0.32 1.38
CA SER A 136 -7.74 -0.49 0.43
C SER A 136 -9.21 -0.08 0.31
N ALA A 137 -9.84 0.27 1.43
CA ALA A 137 -11.20 0.77 1.39
C ALA A 137 -11.28 2.12 0.66
N MET A 138 -10.30 2.99 0.92
CA MET A 138 -10.23 4.26 0.22
C MET A 138 -10.12 4.02 -1.28
N LEU A 139 -9.27 3.09 -1.67
CA LEU A 139 -9.08 2.74 -3.07
C LEU A 139 -10.35 2.24 -3.70
N ALA A 140 -11.10 1.43 -2.96
CA ALA A 140 -12.38 0.94 -3.44
C ALA A 140 -13.32 2.08 -3.75
N ALA A 141 -13.37 3.08 -2.85
CA ALA A 141 -14.20 4.25 -3.09
C ALA A 141 -13.69 5.04 -4.33
N GLU A 142 -12.39 5.27 -4.40
CA GLU A 142 -11.81 6.01 -5.54
C GLU A 142 -12.02 5.34 -6.88
N ASN A 143 -12.02 4.02 -6.85
CA ASN A 143 -12.13 3.22 -8.08
C ASN A 143 -13.57 2.84 -8.41
N LYS A 144 -14.52 3.28 -7.58
CA LYS A 144 -15.93 2.94 -7.80
C LYS A 144 -16.12 1.42 -7.78
N PHE A 145 -15.36 0.74 -6.93
CA PHE A 145 -15.57 -0.69 -6.70
C PHE A 145 -16.97 -0.92 -6.22
N PRO A 146 -17.65 -2.00 -6.66
CA PRO A 146 -19.05 -2.15 -6.26
C PRO A 146 -19.25 -2.03 -4.75
N ASN A 147 -20.36 -1.39 -4.39
CA ASN A 147 -20.62 -1.16 -2.98
C ASN A 147 -21.03 -2.43 -2.27
N PRO A 148 -20.64 -2.59 -1.00
CA PRO A 148 -21.21 -3.63 -0.17
C PRO A 148 -22.72 -3.47 -0.05
N PRO A 149 -23.40 -4.52 0.40
CA PRO A 149 -24.84 -4.42 0.66
C PRO A 149 -25.19 -3.29 1.61
N ASP A 150 -26.43 -2.84 1.51
CA ASP A 150 -26.85 -1.63 2.20
C ASP A 150 -26.68 -1.71 3.71
N ASP A 151 -26.76 -2.91 4.26
CA ASP A 151 -26.64 -3.11 5.71
C ASP A 151 -25.22 -3.39 6.17
N LYS A 152 -24.26 -3.28 5.28
CA LYS A 152 -22.84 -3.49 5.59
C LYS A 152 -22.09 -2.16 5.51
N PRO A 153 -20.93 -2.08 6.14
CA PRO A 153 -20.14 -0.83 6.10
C PRO A 153 -19.72 -0.54 4.66
N GLN A 154 -19.78 0.73 4.30
CA GLN A 154 -19.46 1.19 2.95
C GLN A 154 -17.97 1.58 2.87
N TRP A 155 -17.43 1.61 1.65
CA TRP A 155 -15.99 1.80 1.51
C TRP A 155 -15.48 3.13 2.07
N LEU A 156 -16.14 4.22 1.70
CA LEU A 156 -15.68 5.51 2.21
C LEU A 156 -15.80 5.55 3.74
N ALA A 157 -16.90 5.02 4.27
CA ALA A 157 -17.08 5.01 5.71
C ALA A 157 -16.01 4.20 6.42
N LEU A 158 -15.54 3.12 5.82
CA LEU A 158 -14.46 2.33 6.40
C LEU A 158 -13.17 3.13 6.42
N ALA A 159 -12.85 3.81 5.32
CA ALA A 159 -11.66 4.67 5.29
C ALA A 159 -11.77 5.76 6.35
N GLN A 160 -12.95 6.38 6.45
CA GLN A 160 -13.17 7.42 7.45
C GLN A 160 -13.01 6.90 8.85
N ALA A 161 -13.44 5.68 9.11
CA ALA A 161 -13.31 5.11 10.45
C ALA A 161 -11.86 4.88 10.80
N VAL A 162 -11.08 4.34 9.88
CA VAL A 162 -9.65 4.16 10.14
C VAL A 162 -9.00 5.51 10.43
N TRP A 163 -9.25 6.47 9.56
CA TRP A 163 -8.64 7.79 9.75
C TRP A 163 -9.05 8.41 11.09
N THR A 164 -10.34 8.32 11.43
CA THR A 164 -10.85 8.91 12.65
C THR A 164 -10.18 8.27 13.86
N THR A 165 -10.05 6.95 13.90
CA THR A 165 -9.41 6.33 15.02
C THR A 165 -7.92 6.68 15.08
N GLN A 166 -7.30 6.92 13.94
CA GLN A 166 -5.90 7.34 13.92
C GLN A 166 -5.71 8.78 14.35
N ALA A 167 -6.76 9.60 14.19
CA ALA A 167 -6.74 11.00 14.63
C ALA A 167 -7.14 11.15 16.10
N SER A 168 -7.48 10.07 16.78
CA SER A 168 -7.99 10.12 18.14
C SER A 168 -6.91 10.66 19.06
N PRO A 169 -7.30 11.44 20.09
CA PRO A 169 -6.26 12.13 20.86
C PRO A 169 -5.27 11.22 21.56
N GLU A 170 -5.69 10.03 21.99
CA GLU A 170 -4.76 9.15 22.70
C GLU A 170 -3.65 8.62 21.81
N ARG A 171 -3.80 8.73 20.48
CA ARG A 171 -2.74 8.32 19.58
C ARG A 171 -1.75 9.41 19.23
N HIS A 172 -1.94 10.61 19.82
CA HIS A 172 -1.10 11.78 19.56
C HIS A 172 -0.66 12.39 20.86
N ASP A 173 0.40 11.85 21.43
CA ASP A 173 0.95 12.36 22.69
C ASP A 173 2.10 13.33 22.43
N GLY A 174 2.70 13.84 23.49
CA GLY A 174 3.71 14.87 23.34
C GLY A 174 5.11 14.35 23.06
N THR A 175 5.31 13.05 23.13
CA THR A 175 6.62 12.52 22.89
C THR A 175 7.03 12.83 21.45
N CYS A 176 8.28 13.25 21.25
CA CYS A 176 8.79 13.64 19.94
C CYS A 176 7.95 14.76 19.33
N ASN A 177 7.26 15.54 20.16
CA ASN A 177 6.39 16.62 19.69
C ASN A 177 5.29 16.14 18.76
N GLY A 178 4.89 14.89 18.86
CA GLY A 178 3.81 14.35 18.07
C GLY A 178 4.18 13.11 17.32
N GLY A 179 3.38 12.79 16.30
CA GLY A 179 3.55 11.60 15.51
C GLY A 179 2.82 10.41 16.10
N LEU A 180 2.41 9.51 15.24
CA LEU A 180 1.86 8.23 15.65
C LEU A 180 2.97 7.24 16.01
N ARG A 181 2.68 6.44 17.02
CA ARG A 181 3.46 5.24 17.32
C ARG A 181 3.13 4.14 16.31
N TRP A 182 4.07 3.22 16.16
CA TRP A 182 3.85 2.11 15.27
C TRP A 182 2.65 1.28 15.66
N GLN A 183 2.55 0.95 16.95
CA GLN A 183 1.53 0.03 17.47
C GLN A 183 0.38 0.80 18.09
N ILE A 184 -0.78 0.17 18.08
CA ILE A 184 -1.96 0.74 18.72
C ILE A 184 -2.04 0.37 20.20
N PRO A 185 -1.95 -0.91 20.55
CA PRO A 185 -1.99 -1.25 21.98
C PRO A 185 -0.68 -0.89 22.68
N PRO A 186 -0.77 -0.25 23.86
CA PRO A 186 0.48 0.15 24.52
C PRO A 186 1.37 -1.00 24.94
N THR A 187 0.80 -2.20 25.05
CA THR A 187 1.59 -3.35 25.46
C THR A 187 2.18 -4.13 24.28
N ASN A 188 1.88 -3.73 23.04
CA ASN A 188 2.48 -4.39 21.88
C ASN A 188 3.94 -3.99 21.77
N ALA A 189 4.81 -4.95 21.49
CA ALA A 189 6.21 -4.65 21.22
C ALA A 189 6.26 -3.67 20.05
N GLY A 190 7.01 -2.59 20.23
CA GLY A 190 7.14 -1.58 19.19
C GLY A 190 6.27 -0.36 19.43
N TYR A 191 5.54 -0.31 20.55
CA TYR A 191 4.77 0.89 20.88
C TYR A 191 5.66 2.11 21.08
N ASN A 192 6.92 1.86 21.43
CA ASN A 192 7.91 2.93 21.62
C ASN A 192 8.58 3.42 20.33
N TYR A 193 8.24 2.83 19.18
CA TYR A 193 8.81 3.19 17.90
C TYR A 193 7.82 4.07 17.16
N LYS A 194 8.20 5.31 16.91
CA LYS A 194 7.38 6.20 16.09
C LYS A 194 8.00 6.12 14.70
N ASN A 195 7.36 5.41 13.81
CA ASN A 195 7.95 5.11 12.51
C ASN A 195 7.26 5.77 11.34
N THR A 196 7.98 5.83 10.23
CA THR A 196 7.46 6.51 9.08
C THR A 196 6.20 5.85 8.57
N ILE A 197 6.15 4.54 8.48
CA ILE A 197 5.03 3.92 7.81
C ILE A 197 3.70 4.19 8.48
N ALA A 198 3.66 4.15 9.82
CA ALA A 198 2.41 4.46 10.51
C ALA A 198 1.92 5.86 10.14
N ASN A 199 2.84 6.81 10.19
CA ASN A 199 2.51 8.19 9.92
C ASN A 199 2.20 8.42 8.46
N ALA A 200 2.90 7.73 7.57
CA ALA A 200 2.66 7.83 6.13
C ALA A 200 1.26 7.29 5.77
N CYS A 201 0.84 6.22 6.41
CA CYS A 201 -0.51 5.71 6.16
C CYS A 201 -1.56 6.74 6.55
N PHE A 202 -1.39 7.34 7.73
CA PHE A 202 -2.36 8.32 8.23
C PHE A 202 -2.34 9.55 7.33
N PHE A 203 -1.15 10.00 6.94
CA PHE A 203 -0.99 11.12 6.00
C PHE A 203 -1.70 10.83 4.68
N ASP A 204 -1.42 9.68 4.08
CA ASP A 204 -1.99 9.34 2.79
C ASP A 204 -3.50 9.25 2.88
N LEU A 205 -4.05 8.61 3.93
N LEU A 205 -4.01 8.65 3.95
CA LEU A 205 -5.50 8.56 4.08
CA LEU A 205 -5.42 8.50 4.09
C LEU A 205 -6.08 9.95 4.18
C LEU A 205 -6.12 9.87 4.29
N GLY A 206 -5.46 10.81 5.00
CA GLY A 206 -6.01 12.14 5.15
C GLY A 206 -6.01 12.88 3.83
N ALA A 207 -4.92 12.82 3.09
CA ALA A 207 -4.86 13.51 1.80
C ALA A 207 -5.92 12.99 0.83
N ARG A 208 -6.10 11.68 0.81
CA ARG A 208 -7.06 11.05 -0.08
C ARG A 208 -8.50 11.35 0.36
N LEU A 209 -8.76 11.34 1.65
CA LEU A 209 -10.09 11.68 2.13
C LEU A 209 -10.41 13.15 1.83
N ALA A 210 -9.42 14.02 1.97
CA ALA A 210 -9.62 15.44 1.61
C ALA A 210 -10.04 15.55 0.13
N ARG A 211 -9.28 14.90 -0.76
CA ARG A 211 -9.61 15.02 -2.17
C ARG A 211 -10.99 14.46 -2.48
N TYR A 212 -11.33 13.33 -1.87
CA TYR A 212 -12.59 12.69 -2.22
C TYR A 212 -13.78 13.49 -1.70
N THR A 213 -13.71 13.88 -0.43
CA THR A 213 -14.85 14.51 0.26
C THR A 213 -14.89 16.01 0.15
N LYS A 214 -13.78 16.63 -0.20
CA LYS A 214 -13.57 18.07 -0.22
C LYS A 214 -13.62 18.66 1.18
N ASN A 215 -13.42 17.88 2.21
CA ASN A 215 -13.42 18.37 3.59
C ASN A 215 -12.01 18.72 4.01
N ASN A 216 -11.82 19.97 4.41
CA ASN A 216 -10.48 20.47 4.67
C ASN A 216 -9.88 19.98 5.97
N THR A 217 -10.69 19.45 6.91
CA THR A 217 -10.11 18.99 8.14
C THR A 217 -9.19 17.78 7.92
N TYR A 218 -9.52 16.95 6.94
CA TYR A 218 -8.64 15.86 6.57
C TYR A 218 -7.29 16.42 6.13
N ALA A 219 -7.32 17.45 5.31
CA ALA A 219 -6.12 18.07 4.76
C ALA A 219 -5.27 18.74 5.81
N GLU A 220 -5.90 19.38 6.79
CA GLU A 220 -5.14 20.04 7.83
C GLU A 220 -4.35 19.03 8.66
N TRP A 221 -4.97 17.89 8.95
CA TRP A 221 -4.26 16.80 9.62
C TRP A 221 -3.13 16.27 8.76
N ALA A 222 -3.38 16.07 7.47
CA ALA A 222 -2.32 15.57 6.59
C ALA A 222 -1.13 16.52 6.57
N GLU A 223 -1.40 17.83 6.49
CA GLU A 223 -0.32 18.85 6.55
C GLU A 223 0.47 18.69 7.82
N LYS A 224 -0.22 18.56 8.95
CA LYS A 224 0.43 18.50 10.24
C LYS A 224 1.34 17.27 10.34
N ILE A 225 0.86 16.13 9.87
CA ILE A 225 1.65 14.93 9.99
C ILE A 225 2.84 14.98 9.04
N PHE A 226 2.67 15.50 7.81
CA PHE A 226 3.81 15.60 6.91
C PHE A 226 4.86 16.52 7.51
N ASP A 227 4.42 17.65 8.08
CA ASP A 227 5.34 18.60 8.70
C ASP A 227 6.08 17.95 9.87
N TRP A 228 5.40 17.09 10.60
CA TRP A 228 6.06 16.35 11.68
C TRP A 228 7.16 15.41 11.13
N LEU A 229 6.82 14.66 10.08
CA LEU A 229 7.79 13.75 9.47
C LEU A 229 9.03 14.50 8.97
N TYR A 230 8.80 15.69 8.45
CA TYR A 230 9.92 16.53 7.99
C TYR A 230 10.70 17.04 9.20
N ALA A 231 10.00 17.58 10.19
CA ALA A 231 10.69 18.15 11.35
C ALA A 231 11.52 17.10 12.10
N VAL A 232 10.96 15.91 12.34
CA VAL A 232 11.65 14.89 13.12
C VAL A 232 12.85 14.38 12.31
N GLY A 233 12.91 14.62 10.99
CA GLY A 233 14.06 14.24 10.19
C GLY A 233 13.94 12.86 9.59
N TYR A 234 12.76 12.26 9.60
CA TYR A 234 12.58 11.01 8.88
C TYR A 234 12.62 11.28 7.38
N ILE A 235 12.26 12.49 6.97
CA ILE A 235 12.52 12.96 5.61
C ILE A 235 13.82 13.75 5.67
N ASP A 236 14.83 13.34 4.93
CA ASP A 236 16.13 14.03 4.92
C ASP A 236 15.96 15.39 4.25
N HIS A 237 16.32 16.46 4.98
CA HIS A 237 16.09 17.80 4.46
C HIS A 237 16.91 18.14 3.23
N GLU A 238 18.04 17.44 3.09
N GLU A 238 18.04 17.47 3.02
CA GLU A 238 18.94 17.67 1.97
CA GLU A 238 18.80 17.74 1.78
C GLU A 238 18.67 16.78 0.75
C GLU A 238 18.44 16.79 0.67
N THR A 239 18.42 15.50 0.98
CA THR A 239 18.31 14.54 -0.09
C THR A 239 16.89 14.04 -0.35
N TRP A 240 15.98 14.26 0.59
CA TRP A 240 14.62 13.74 0.52
C TRP A 240 14.55 12.23 0.51
N ALA A 241 15.63 11.57 0.94
CA ALA A 241 15.53 10.19 1.39
C ALA A 241 14.51 10.10 2.53
N VAL A 242 13.89 8.95 2.67
CA VAL A 242 12.88 8.73 3.68
C VAL A 242 13.27 7.55 4.56
N TYR A 243 13.65 7.85 5.79
CA TYR A 243 14.18 6.86 6.74
C TYR A 243 13.04 6.14 7.44
N ASP A 244 13.38 5.18 8.29
CA ASP A 244 12.38 4.26 8.79
C ASP A 244 11.66 4.72 10.08
N GLY A 245 12.35 5.39 11.00
CA GLY A 245 11.72 5.70 12.27
C GLY A 245 12.74 6.02 13.36
N GLY A 246 12.24 6.20 14.55
CA GLY A 246 13.04 6.48 15.72
C GLY A 246 12.23 6.13 16.96
N HIS A 247 12.88 6.09 18.13
CA HIS A 247 12.22 5.66 19.36
C HIS A 247 11.97 6.80 20.32
N VAL A 248 10.86 6.71 21.02
CA VAL A 248 10.48 7.79 21.92
C VAL A 248 11.47 8.01 23.05
N GLU A 249 12.11 6.96 23.55
N GLU A 249 12.11 6.98 23.55
CA GLU A 249 13.11 7.09 24.62
CA GLU A 249 13.01 7.19 24.67
C GLU A 249 14.20 8.07 24.27
C GLU A 249 14.31 7.91 24.27
N HIS A 250 14.49 8.16 22.97
CA HIS A 250 15.58 8.99 22.46
C HIS A 250 15.04 10.23 21.79
N ASN A 251 13.79 10.57 22.09
CA ASN A 251 13.14 11.72 21.43
C ASN A 251 13.18 11.57 19.92
N CYS A 252 13.11 10.33 19.47
CA CYS A 252 13.08 10.00 18.04
C CYS A 252 14.37 10.36 17.29
N THR A 253 15.45 10.63 18.04
CA THR A 253 16.73 11.02 17.40
C THR A 253 17.59 9.88 16.92
N ASP A 254 17.29 8.68 17.39
CA ASP A 254 18.03 7.49 16.99
C ASP A 254 17.48 6.97 15.66
N ILE A 255 17.59 7.79 14.63
CA ILE A 255 16.90 7.48 13.38
C ILE A 255 17.47 6.22 12.78
N ASN A 256 16.59 5.28 12.50
CA ASN A 256 16.92 4.11 11.70
C ASN A 256 16.91 4.52 10.24
N ARG A 257 18.09 4.61 9.64
N ARG A 257 18.10 4.58 9.65
CA ARG A 257 18.19 5.18 8.31
CA ARG A 257 18.27 5.15 8.32
C ARG A 257 17.99 4.16 7.20
C ARG A 257 18.01 4.15 7.20
N ALA A 258 17.48 2.98 7.52
CA ALA A 258 17.05 2.07 6.46
C ALA A 258 16.00 2.75 5.60
N GLN A 259 16.14 2.60 4.29
CA GLN A 259 15.27 3.21 3.31
C GLN A 259 14.47 2.15 2.59
N PHE A 260 13.23 1.94 3.06
CA PHE A 260 12.32 0.98 2.43
C PHE A 260 11.50 1.71 1.39
N SER A 261 11.34 1.07 0.24
CA SER A 261 10.73 1.73 -0.90
C SER A 261 9.33 2.24 -0.60
N TYR A 262 8.56 1.47 0.15
CA TYR A 262 7.16 1.83 0.36
C TYR A 262 7.00 3.09 1.19
N ASN A 263 7.99 3.46 2.00
CA ASN A 263 7.89 4.67 2.82
C ASN A 263 7.96 5.90 1.94
N ALA A 264 9.01 6.00 1.12
CA ALA A 264 9.10 7.14 0.22
C ALA A 264 7.95 7.18 -0.75
N ALA A 265 7.57 6.02 -1.31
CA ALA A 265 6.50 5.99 -2.30
C ALA A 265 5.16 6.39 -1.71
N LEU A 266 4.86 5.99 -0.48
CA LEU A 266 3.60 6.39 0.13
C LEU A 266 3.56 7.88 0.40
N LEU A 267 4.69 8.46 0.84
CA LEU A 267 4.71 9.91 1.01
C LEU A 267 4.55 10.62 -0.31
N LEU A 268 5.17 10.12 -1.39
CA LEU A 268 4.96 10.69 -2.70
C LEU A 268 3.49 10.65 -3.09
N HIS A 269 2.85 9.50 -2.89
CA HIS A 269 1.44 9.31 -3.21
C HIS A 269 0.60 10.33 -2.49
N GLY A 270 0.75 10.43 -1.16
CA GLY A 270 -0.06 11.38 -0.41
C GLY A 270 0.26 12.80 -0.81
N ALA A 271 1.52 13.14 -1.05
CA ALA A 271 1.87 14.48 -1.49
C ALA A 271 1.23 14.85 -2.81
N ALA A 272 1.09 13.88 -3.70
CA ALA A 272 0.45 14.11 -4.99
C ALA A 272 -1.03 14.42 -4.79
N PHE A 273 -1.71 13.69 -3.89
CA PHE A 273 -3.09 14.03 -3.55
C PHE A 273 -3.19 15.41 -2.93
N MET A 274 -2.25 15.81 -2.11
CA MET A 274 -2.28 17.13 -1.51
C MET A 274 -2.04 18.20 -2.59
N TRP A 275 -1.12 17.96 -3.51
CA TRP A 275 -0.92 18.89 -4.63
C TRP A 275 -2.17 19.04 -5.45
N ASN A 276 -2.82 17.93 -5.78
CA ASN A 276 -4.02 18.00 -6.59
C ASN A 276 -5.13 18.75 -5.86
N TYR A 277 -5.31 18.49 -4.57
CA TYR A 277 -6.37 19.12 -3.79
C TYR A 277 -6.09 20.61 -3.55
N THR A 278 -4.88 20.94 -3.11
CA THR A 278 -4.60 22.30 -2.67
C THR A 278 -4.12 23.20 -3.79
N GLU A 279 -3.49 22.66 -4.82
CA GLU A 279 -2.80 23.44 -5.85
C GLU A 279 -1.74 24.38 -5.27
N ASP A 280 -1.22 24.04 -4.11
CA ASP A 280 -0.19 24.87 -3.44
C ASP A 280 1.17 24.44 -3.95
N GLN A 281 1.97 25.38 -4.41
CA GLN A 281 3.29 25.10 -4.91
C GLN A 281 4.13 24.33 -3.92
N LYS A 282 3.94 24.54 -2.63
CA LYS A 282 4.73 23.76 -1.69
C LYS A 282 4.56 22.26 -1.87
N TRP A 283 3.34 21.84 -2.19
CA TRP A 283 3.11 20.44 -2.42
C TRP A 283 3.68 19.95 -3.75
N LYS A 284 3.65 20.78 -4.77
CA LYS A 284 4.30 20.43 -6.02
C LYS A 284 5.79 20.23 -5.81
N ASP A 285 6.41 21.08 -5.00
CA ASP A 285 7.81 20.95 -4.72
C ASP A 285 8.11 19.68 -3.92
N ARG A 286 7.24 19.34 -2.97
CA ARG A 286 7.41 18.12 -2.21
C ARG A 286 7.28 16.89 -3.12
N VAL A 287 6.29 16.86 -4.00
CA VAL A 287 6.16 15.77 -4.98
C VAL A 287 7.45 15.64 -5.76
N ASP A 288 7.95 16.75 -6.28
CA ASP A 288 9.13 16.72 -7.13
C ASP A 288 10.33 16.22 -6.37
N ASN A 289 10.52 16.70 -5.15
CA ASN A 289 11.68 16.31 -4.36
C ASN A 289 11.62 14.86 -3.91
N LEU A 290 10.43 14.41 -3.50
CA LEU A 290 10.30 13.00 -3.13
C LEU A 290 10.54 12.12 -4.35
N LEU A 291 10.05 12.51 -5.49
CA LEU A 291 10.18 11.72 -6.71
C LEU A 291 11.64 11.66 -7.13
N THR A 292 12.36 12.78 -7.10
CA THR A 292 13.78 12.76 -7.39
C THR A 292 14.49 11.77 -6.51
N GLY A 293 14.18 11.77 -5.24
CA GLY A 293 14.83 10.87 -4.30
C GLY A 293 14.52 9.43 -4.66
N ILE A 294 13.28 9.12 -4.93
CA ILE A 294 12.88 7.74 -5.26
C ILE A 294 13.58 7.23 -6.50
N LEU A 295 13.64 8.06 -7.54
CA LEU A 295 14.29 7.64 -8.78
C LEU A 295 15.77 7.40 -8.52
N ARG A 296 16.38 8.24 -7.69
CA ARG A 296 17.80 8.10 -7.36
C ARG A 296 18.06 6.85 -6.54
N ASP A 297 17.21 6.58 -5.55
CA ASP A 297 17.55 5.58 -4.56
C ASP A 297 17.07 4.19 -4.89
N PHE A 298 15.87 4.06 -5.45
CA PHE A 298 15.20 2.76 -5.60
C PHE A 298 15.21 2.24 -7.03
N PHE A 299 15.48 3.04 -8.02
CA PHE A 299 15.46 2.55 -9.39
C PHE A 299 16.88 2.44 -9.87
N LYS A 300 17.26 1.21 -10.18
CA LYS A 300 18.63 0.86 -10.60
C LYS A 300 18.61 0.47 -12.04
N ASP A 301 19.14 1.35 -12.89
CA ASP A 301 19.00 1.25 -14.33
C ASP A 301 17.57 0.90 -14.74
N GLY A 302 16.63 1.60 -14.15
CA GLY A 302 15.26 1.50 -14.55
C GLY A 302 14.47 0.38 -13.87
N VAL A 303 15.01 -0.25 -12.83
CA VAL A 303 14.31 -1.35 -12.16
C VAL A 303 14.21 -1.11 -10.67
N VAL A 304 13.01 -1.25 -10.11
N VAL A 304 13.00 -1.24 -10.11
CA VAL A 304 12.85 -1.04 -8.68
CA VAL A 304 12.85 -1.07 -8.68
C VAL A 304 13.64 -2.07 -7.91
C VAL A 304 13.77 -2.04 -7.97
N PHE A 305 14.24 -1.63 -6.81
CA PHE A 305 15.19 -2.44 -6.05
C PHE A 305 15.05 -2.13 -4.58
N GLU A 306 14.84 -3.14 -3.76
CA GLU A 306 14.60 -2.96 -2.34
C GLU A 306 15.92 -2.83 -1.58
N ILE A 307 16.46 -1.62 -1.54
CA ILE A 307 17.86 -1.39 -1.14
C ILE A 307 18.24 -1.95 0.23
N PRO A 308 17.35 -2.00 1.24
CA PRO A 308 17.87 -2.56 2.49
C PRO A 308 18.10 -4.05 2.53
N CYS A 309 17.57 -4.81 1.57
CA CYS A 309 17.66 -6.27 1.65
C CYS A 309 18.00 -6.99 0.37
N GLU A 310 17.73 -6.39 -0.79
CA GLU A 310 17.74 -7.15 -2.04
C GLU A 310 19.12 -7.46 -2.54
N GLY A 311 20.13 -6.76 -2.05
CA GLY A 311 21.49 -6.96 -2.53
C GLY A 311 22.05 -8.31 -2.25
N ARG A 312 21.43 -9.02 -1.35
CA ARG A 312 21.76 -10.42 -1.26
C ARG A 312 20.54 -11.23 -0.97
N GLN A 313 20.54 -12.43 -1.48
CA GLN A 313 19.44 -13.32 -1.28
C GLN A 313 19.32 -13.80 0.14
N GLY A 314 18.08 -13.99 0.59
CA GLY A 314 17.83 -14.54 1.90
C GLY A 314 17.68 -13.51 3.00
N ALA A 315 17.66 -12.23 2.67
CA ALA A 315 17.54 -11.17 3.68
C ALA A 315 16.15 -10.53 3.73
N CYS A 316 15.42 -10.51 2.63
CA CYS A 316 14.12 -9.82 2.63
C CYS A 316 13.06 -10.63 3.38
N THR A 317 12.30 -9.98 4.27
CA THR A 317 11.21 -10.61 4.97
C THR A 317 9.97 -10.68 4.09
N ALA A 318 8.97 -11.45 4.51
CA ALA A 318 7.71 -11.53 3.80
C ALA A 318 7.13 -10.18 3.54
N ASP A 319 7.17 -9.29 4.50
CA ASP A 319 6.64 -7.97 4.29
C ASP A 319 7.39 -7.23 3.19
N MET A 320 8.70 -7.28 3.18
CA MET A 320 9.50 -6.51 2.24
C MET A 320 9.27 -6.96 0.79
N LEU A 321 8.90 -8.22 0.60
CA LEU A 321 8.68 -8.78 -0.73
C LEU A 321 7.49 -8.12 -1.44
N THR A 322 6.60 -7.50 -0.69
CA THR A 322 5.45 -6.84 -1.26
C THR A 322 5.64 -5.37 -1.62
N PHE A 323 6.70 -4.77 -1.14
CA PHE A 323 6.86 -3.32 -1.32
C PHE A 323 6.93 -2.80 -2.74
N LYS A 324 7.65 -3.47 -3.60
CA LYS A 324 7.80 -2.99 -4.97
C LYS A 324 6.47 -2.94 -5.73
N GLY A 325 5.54 -3.83 -5.41
CA GLY A 325 4.23 -3.78 -6.01
C GLY A 325 3.48 -2.51 -5.63
N TYR A 326 3.55 -2.10 -4.36
N TYR A 326 3.56 -2.13 -4.37
CA TYR A 326 2.94 -0.81 -3.94
CA TYR A 326 2.97 -0.87 -3.91
C TYR A 326 3.63 0.34 -4.66
C TYR A 326 3.63 0.32 -4.63
N VAL A 327 4.95 0.29 -4.79
CA VAL A 327 5.67 1.35 -5.48
C VAL A 327 5.10 1.54 -6.86
N HIS A 328 4.96 0.47 -7.61
CA HIS A 328 4.40 0.56 -8.93
C HIS A 328 3.00 1.12 -8.95
N ARG A 329 2.12 0.57 -8.14
CA ARG A 329 0.73 1.01 -8.19
C ARG A 329 0.56 2.44 -7.76
N TRP A 330 1.27 2.84 -6.71
CA TRP A 330 1.13 4.19 -6.17
C TRP A 330 1.75 5.18 -7.12
N MET A 331 2.94 4.89 -7.64
CA MET A 331 3.57 5.80 -8.59
C MET A 331 2.74 5.96 -9.85
N ALA A 332 2.09 4.91 -10.30
CA ALA A 332 1.23 5.03 -11.46
C ALA A 332 0.11 6.02 -11.19
N VAL A 333 -0.51 5.94 -10.03
CA VAL A 333 -1.61 6.88 -9.70
C VAL A 333 -1.07 8.31 -9.60
N VAL A 334 0.15 8.51 -9.10
CA VAL A 334 0.76 9.83 -9.06
C VAL A 334 0.72 10.48 -10.43
N THR A 335 0.92 9.70 -11.50
CA THR A 335 0.92 10.29 -12.82
C THR A 335 -0.42 10.81 -13.27
N GLN A 336 -1.50 10.29 -12.68
CA GLN A 336 -2.83 10.76 -12.96
C GLN A 336 -3.21 12.00 -12.21
N ILE A 337 -2.86 12.08 -10.94
N ILE A 337 -2.78 12.05 -10.94
CA ILE A 337 -3.27 13.24 -10.16
CA ILE A 337 -3.15 13.07 -9.95
C ILE A 337 -2.22 14.34 -10.08
C ILE A 337 -2.22 14.29 -10.04
N ALA A 338 -0.98 14.04 -10.46
CA ALA A 338 0.08 15.05 -10.61
C ALA A 338 0.68 14.85 -12.03
N PRO A 339 -0.08 15.21 -13.06
CA PRO A 339 0.27 14.80 -14.43
C PRO A 339 1.62 15.33 -14.90
N HIS A 340 2.17 16.35 -14.28
CA HIS A 340 3.48 16.83 -14.69
C HIS A 340 4.59 15.79 -14.42
N THR A 341 4.31 14.77 -13.59
CA THR A 341 5.27 13.72 -13.30
C THR A 341 5.26 12.59 -14.31
N LYS A 342 4.33 12.58 -15.23
CA LYS A 342 4.11 11.41 -16.06
C LYS A 342 5.34 10.95 -16.81
N ASP A 343 6.05 11.90 -17.42
CA ASP A 343 7.21 11.54 -18.23
C ASP A 343 8.43 11.10 -17.40
N ARG A 344 8.46 11.45 -16.11
CA ARG A 344 9.50 10.96 -15.25
C ARG A 344 9.20 9.54 -14.73
N ILE A 345 7.94 9.21 -14.58
CA ILE A 345 7.54 7.97 -13.94
C ILE A 345 7.23 6.86 -14.92
N LEU A 346 6.39 7.10 -15.90
CA LEU A 346 5.92 5.96 -16.70
C LEU A 346 7.03 5.21 -17.44
N PRO A 347 8.06 5.88 -17.97
CA PRO A 347 9.11 5.08 -18.65
C PRO A 347 9.87 4.19 -17.70
N VAL A 348 9.99 4.63 -16.46
N VAL A 348 10.08 4.61 -16.44
CA VAL A 348 10.75 3.91 -15.48
CA VAL A 348 10.80 3.75 -15.50
C VAL A 348 9.92 2.72 -14.98
C VAL A 348 9.91 2.64 -14.94
N LEU A 349 8.63 2.91 -14.76
CA LEU A 349 7.77 1.80 -14.40
C LEU A 349 7.75 0.75 -15.51
N ARG A 350 7.84 1.19 -16.76
CA ARG A 350 7.88 0.23 -17.86
C ARG A 350 9.15 -0.62 -17.82
N THR A 351 10.30 -0.02 -17.63
CA THR A 351 11.53 -0.81 -17.58
C THR A 351 11.51 -1.76 -16.37
N SER A 352 10.93 -1.28 -15.28
CA SER A 352 10.89 -2.07 -14.07
C SER A 352 9.95 -3.29 -14.26
N ALA A 353 8.79 -3.07 -14.86
CA ALA A 353 7.85 -4.16 -15.15
C ALA A 353 8.44 -5.13 -16.17
N GLU A 354 9.20 -4.63 -17.15
CA GLU A 354 9.89 -5.53 -18.09
C GLU A 354 10.81 -6.48 -17.34
N ALA A 355 11.55 -5.95 -16.38
CA ALA A 355 12.43 -6.80 -15.59
C ALA A 355 11.63 -7.80 -14.75
N ALA A 356 10.50 -7.35 -14.19
CA ALA A 356 9.64 -8.24 -13.42
C ALA A 356 9.24 -9.43 -14.27
N VAL A 357 8.73 -9.20 -15.47
CA VAL A 357 8.25 -10.34 -16.25
C VAL A 357 9.42 -11.18 -16.82
N LYS A 358 10.57 -10.58 -17.08
N LYS A 358 10.59 -10.60 -17.06
CA LYS A 358 11.72 -11.31 -17.58
CA LYS A 358 11.70 -11.35 -17.63
C LYS A 358 12.02 -12.49 -16.68
C LYS A 358 12.19 -12.45 -16.66
N GLN A 359 11.92 -12.31 -15.36
CA GLN A 359 12.28 -13.35 -14.42
C GLN A 359 11.12 -14.20 -13.94
N CYS A 360 9.92 -13.98 -14.46
CA CYS A 360 8.80 -14.84 -14.15
C CYS A 360 8.79 -16.03 -15.08
N VAL A 361 9.74 -16.93 -14.84
CA VAL A 361 9.98 -18.07 -15.70
C VAL A 361 10.25 -19.31 -14.86
N GLY A 362 9.98 -19.28 -13.57
CA GLY A 362 10.38 -20.38 -12.71
C GLY A 362 9.55 -21.63 -12.85
N PRO A 363 10.17 -22.76 -12.51
CA PRO A 363 9.43 -24.03 -12.43
C PRO A 363 8.48 -23.99 -11.22
N PRO A 364 7.46 -24.82 -11.23
CA PRO A 364 7.19 -25.92 -12.17
C PRO A 364 6.33 -25.50 -13.35
N THR A 365 5.89 -24.26 -13.35
CA THR A 365 4.90 -23.79 -14.29
C THR A 365 5.53 -23.16 -15.52
N GLY A 366 6.81 -22.76 -15.42
CA GLY A 366 7.46 -21.97 -16.45
C GLY A 366 7.13 -20.49 -16.37
N ARG A 367 6.35 -20.10 -15.36
CA ARG A 367 5.96 -18.70 -15.22
C ARG A 367 5.99 -18.23 -13.78
N ARG A 368 6.57 -19.01 -12.88
CA ARG A 368 6.61 -18.61 -11.48
C ARG A 368 7.43 -17.37 -11.33
N CYS A 369 6.98 -16.47 -10.46
CA CYS A 369 7.66 -15.21 -10.23
C CYS A 369 8.52 -15.16 -9.01
N GLY A 370 9.73 -14.64 -9.14
CA GLY A 370 10.57 -14.30 -8.02
C GLY A 370 10.64 -12.80 -7.78
N PHE A 371 11.60 -12.41 -6.96
CA PHE A 371 11.69 -11.07 -6.41
C PHE A 371 12.82 -10.25 -7.04
N TYR A 372 13.86 -10.92 -7.57
CA TYR A 372 15.14 -10.27 -7.82
C TYR A 372 15.15 -9.78 -9.26
N TRP A 373 14.28 -8.82 -9.53
CA TRP A 373 14.04 -8.35 -10.89
C TRP A 373 15.28 -7.77 -11.54
N LYS A 374 15.97 -6.91 -10.83
N LYS A 374 15.99 -6.93 -10.81
CA LYS A 374 17.15 -6.31 -11.42
CA LYS A 374 17.20 -6.29 -11.34
C LYS A 374 18.18 -7.37 -11.84
C LYS A 374 18.29 -7.30 -11.73
N SER A 375 18.33 -8.42 -11.04
CA SER A 375 19.29 -9.48 -11.33
C SER A 375 19.07 -10.15 -12.67
N GLY A 376 17.85 -10.13 -13.19
CA GLY A 376 17.58 -10.77 -14.46
C GLY A 376 17.31 -12.24 -14.39
N LYS A 377 17.30 -12.81 -13.21
CA LYS A 377 17.21 -14.25 -13.07
C LYS A 377 16.11 -14.61 -12.10
N PHE A 378 15.42 -15.70 -12.39
CA PHE A 378 14.50 -16.28 -11.43
C PHE A 378 15.24 -16.83 -10.24
N VAL A 379 14.81 -16.46 -9.04
CA VAL A 379 15.29 -16.99 -7.78
C VAL A 379 14.07 -17.61 -7.09
N ASP A 380 14.18 -18.85 -6.63
CA ASP A 380 13.05 -19.49 -6.00
C ASP A 380 12.68 -18.73 -4.74
N PRO A 381 11.37 -18.40 -4.55
CA PRO A 381 10.96 -17.74 -3.30
C PRO A 381 11.33 -18.48 -2.02
N SER A 382 11.61 -19.77 -2.10
CA SER A 382 12.06 -20.50 -0.91
C SER A 382 13.36 -19.91 -0.33
N VAL A 383 14.15 -19.17 -1.12
CA VAL A 383 15.36 -18.54 -0.56
C VAL A 383 15.02 -17.53 0.51
N ASP A 384 13.86 -16.90 0.38
CA ASP A 384 13.40 -15.96 1.40
C ASP A 384 12.31 -16.55 2.28
N HIS A 385 12.19 -17.88 2.27
CA HIS A 385 11.42 -18.61 3.28
C HIS A 385 9.92 -18.36 3.22
N THR A 386 9.38 -18.08 2.04
CA THR A 386 7.95 -18.05 1.88
C THR A 386 7.56 -18.80 0.63
N SER A 387 6.27 -19.00 0.48
CA SER A 387 5.71 -19.63 -0.70
C SER A 387 5.73 -18.75 -1.93
N GLY A 388 5.93 -17.46 -1.77
CA GLY A 388 6.08 -16.55 -2.89
C GLY A 388 4.89 -15.67 -3.21
N ALA A 389 3.95 -15.53 -2.27
CA ALA A 389 2.76 -14.74 -2.56
C ALA A 389 3.10 -13.25 -2.74
N GLY A 390 4.07 -12.74 -2.00
CA GLY A 390 4.38 -11.31 -2.11
C GLY A 390 5.00 -10.97 -3.45
N GLU A 391 5.87 -11.87 -3.94
CA GLU A 391 6.47 -11.70 -5.24
C GLU A 391 5.40 -11.74 -6.33
N ALA A 392 4.45 -12.68 -6.22
CA ALA A 392 3.35 -12.77 -7.15
C ALA A 392 2.49 -11.52 -7.13
N MET A 393 2.23 -10.99 -5.93
N MET A 393 2.25 -10.99 -5.92
CA MET A 393 1.45 -9.79 -5.79
CA MET A 393 1.45 -9.79 -5.76
C MET A 393 2.16 -8.61 -6.47
C MET A 393 2.15 -8.59 -6.39
N SER A 394 3.47 -8.52 -6.21
CA SER A 394 4.25 -7.41 -6.75
C SER A 394 4.31 -7.41 -8.26
N VAL A 395 4.44 -8.58 -8.90
CA VAL A 395 4.42 -8.63 -10.35
C VAL A 395 3.04 -8.30 -10.90
N LEU A 396 1.99 -8.85 -10.27
CA LEU A 396 0.64 -8.51 -10.67
C LEU A 396 0.43 -7.01 -10.65
N ALA A 397 0.87 -6.35 -9.57
CA ALA A 397 0.77 -4.90 -9.42
C ALA A 397 1.51 -4.17 -10.53
N ALA A 398 2.74 -4.58 -10.78
CA ALA A 398 3.58 -3.90 -11.77
C ALA A 398 3.01 -4.04 -13.17
N VAL A 399 2.57 -5.23 -13.55
CA VAL A 399 2.04 -5.44 -14.88
C VAL A 399 0.70 -4.74 -15.06
N SER A 400 -0.21 -4.89 -14.10
N SER A 400 -0.22 -4.89 -14.11
CA SER A 400 -1.51 -4.23 -14.19
CA SER A 400 -1.51 -4.25 -14.29
C SER A 400 -1.34 -2.72 -14.39
C SER A 400 -1.41 -2.71 -14.32
N SER A 401 -0.44 -2.12 -13.61
CA SER A 401 -0.25 -0.69 -13.62
C SER A 401 0.33 -0.15 -14.90
N LEU A 402 0.82 -1.03 -15.78
CA LEU A 402 1.18 -0.60 -17.13
C LEU A 402 -0.02 -0.07 -17.88
N LEU A 403 -1.24 -0.37 -17.44
CA LEU A 403 -2.46 0.09 -18.09
C LEU A 403 -2.97 1.41 -17.54
N ILE A 404 -2.19 2.08 -16.71
CA ILE A 404 -2.66 3.31 -16.06
C ILE A 404 -3.13 4.39 -17.06
N GLU A 405 -2.51 4.45 -18.23
N GLU A 405 -2.51 4.48 -18.22
CA GLU A 405 -2.86 5.50 -19.18
CA GLU A 405 -2.89 5.57 -19.14
C GLU A 405 -4.32 5.39 -19.59
C GLU A 405 -4.25 5.34 -19.77
N TYR A 406 -4.84 4.16 -19.59
CA TYR A 406 -6.19 3.89 -20.06
C TYR A 406 -7.23 3.95 -18.95
N ALA A 407 -6.80 4.10 -17.71
CA ALA A 407 -7.70 4.04 -16.57
C ALA A 407 -8.21 5.43 -16.23
N GLU A 408 -9.38 5.44 -15.63
CA GLU A 408 -9.85 6.68 -15.06
C GLU A 408 -9.01 7.08 -13.84
N PRO A 409 -8.87 8.37 -13.58
CA PRO A 409 -8.24 8.79 -12.33
C PRO A 409 -9.12 8.46 -11.14
N PRO A 410 -8.56 8.53 -9.93
CA PRO A 410 -9.38 8.34 -8.74
C PRO A 410 -10.59 9.28 -8.76
N ALA A 411 -11.75 8.73 -8.46
CA ALA A 411 -12.97 9.54 -8.34
C ALA A 411 -12.95 10.37 -7.07
N THR A 412 -13.72 11.44 -7.09
CA THR A 412 -14.11 12.15 -5.87
C THR A 412 -15.58 11.92 -5.63
N ASN A 413 -16.10 12.57 -4.62
CA ASN A 413 -17.54 12.49 -4.37
C ASN A 413 -18.41 13.06 -5.50
N GLU A 414 -17.80 13.72 -6.47
CA GLU A 414 -18.55 14.20 -7.61
C GLU A 414 -19.07 13.05 -8.47
N THR A 415 -18.29 11.98 -8.60
CA THR A 415 -18.68 10.84 -9.42
C THR A 415 -18.63 9.51 -8.69
N GLY A 416 -18.12 9.46 -7.47
CA GLY A 416 -18.08 8.21 -6.74
C GLY A 416 -19.46 7.72 -6.35
N ILE A 417 -19.53 6.46 -5.96
CA ILE A 417 -20.77 5.81 -5.59
C ILE A 417 -20.78 5.35 -4.15
N SER A 418 -19.71 5.50 -3.41
CA SER A 418 -19.67 5.06 -2.04
C SER A 418 -20.37 6.11 -1.15
N ARG A 419 -20.54 5.79 0.11
CA ARG A 419 -21.19 6.63 1.12
C ARG A 419 -20.33 6.65 2.37
N GLY A 420 -20.31 7.80 3.02
CA GLY A 420 -19.56 8.00 4.24
C GLY A 420 -20.44 7.84 5.48
N ASP A 421 -19.86 8.19 6.62
CA ASP A 421 -20.55 8.08 7.90
C ASP A 421 -19.94 9.13 8.81
N PRO A 422 -20.73 10.12 9.27
CA PRO A 422 -20.13 11.17 10.12
C PRO A 422 -19.67 10.67 11.46
N ASN A 423 -20.12 9.49 11.86
CA ASN A 423 -19.70 8.88 13.09
C ASN A 423 -18.79 7.69 12.88
N ALA A 424 -18.15 7.61 11.73
CA ALA A 424 -17.18 6.53 11.48
C ALA A 424 -16.12 6.60 12.55
N GLY A 425 -15.79 5.48 13.17
CA GLY A 425 -14.78 5.46 14.22
C GLY A 425 -15.24 5.97 15.56
N MET A 426 -16.50 6.37 15.74
CA MET A 426 -16.97 7.01 16.97
C MET A 426 -17.95 6.20 17.73
N ARG A 427 -18.00 4.89 17.51
CA ARG A 427 -18.95 4.08 18.28
C ARG A 427 -18.61 4.02 19.73
N SER A 428 -19.64 3.85 20.56
CA SER A 428 -19.42 3.90 21.99
C SER A 428 -18.69 2.68 22.47
N ARG A 429 -18.71 1.60 21.69
CA ARG A 429 -17.97 0.38 22.00
C ARG A 429 -16.62 0.36 21.32
N GLY A 430 -16.28 1.45 20.62
CA GLY A 430 -15.00 1.55 19.95
C GLY A 430 -13.84 1.43 20.94
N ALA A 431 -12.74 0.86 20.46
CA ALA A 431 -11.60 0.56 21.33
C ALA A 431 -11.03 1.80 22.02
N ALA A 432 -11.13 2.98 21.39
CA ALA A 432 -10.60 4.22 22.01
C ALA A 432 -11.27 4.49 23.35
N GLN A 433 -12.52 4.05 23.52
CA GLN A 433 -13.25 4.26 24.77
C GLN A 433 -12.76 3.41 25.93
N HIS A 434 -11.88 2.45 25.69
CA HIS A 434 -11.30 1.75 26.85
C HIS A 434 -9.81 1.66 26.79
N PHE A 435 -9.22 2.65 26.14
CA PHE A 435 -7.78 2.75 26.03
C PHE A 435 -7.17 2.96 27.42
C1 BMA B . 3.88 -5.72 9.51
C2 BMA B . 3.13 -4.47 9.11
C3 BMA B . 3.88 -3.83 7.94
C4 BMA B . 5.36 -3.66 8.21
C5 BMA B . 5.97 -4.89 8.84
C6 BMA B . 7.39 -4.68 9.35
O1 BMA B . 3.27 -6.32 10.61
O2 BMA B . 3.09 -3.75 10.31
O3 BMA B . 3.40 -2.51 7.54
O4 BMA B . 6.01 -3.44 6.97
O5 BMA B . 5.19 -5.31 9.92
O6 BMA B . 7.54 -3.40 10.09
H1 BMA B . 3.95 -6.41 8.65
H2 BMA B . 2.11 -4.75 8.79
H3 BMA B . 3.79 -4.45 7.04
H4 BMA B . 5.50 -2.81 8.90
H5 BMA B . 5.99 -5.68 8.09
H61 BMA B . 8.02 -4.89 8.43
H62 BMA B . 7.58 -5.57 10.03
HO1 BMA B . 3.67 -7.19 10.70
HO2 BMA B . 2.19 -3.35 10.36
HO3 BMA B . 3.11 -2.60 6.62
HO4 BMA B . 5.48 -2.76 6.53
C1 MAN B . 8.94 -3.34 10.29
C2 MAN B . 9.11 -1.96 10.88
C3 MAN B . 8.88 -0.91 9.80
C4 MAN B . 9.73 -1.19 8.59
C5 MAN B . 9.45 -2.60 8.09
C6 MAN B . 10.33 -2.96 6.95
O2 MAN B . 10.40 -1.83 11.42
O3 MAN B . 9.13 0.40 10.32
O4 MAN B . 9.42 -0.26 7.58
O5 MAN B . 9.72 -3.50 9.13
O6 MAN B . 9.96 -4.24 6.47
H1 MAN B . 9.31 -4.10 11.01
H2 MAN B . 8.36 -1.81 11.68
H3 MAN B . 7.84 -0.92 9.49
H4 MAN B . 10.80 -1.14 8.88
H5 MAN B . 8.39 -2.67 7.78
H61 MAN B . 11.37 -2.94 7.30
H62 MAN B . 10.21 -2.19 6.18
HO2 MAN B . 10.35 -1.95 12.38
HO3 MAN B . 9.95 0.31 10.84
HO4 MAN B . 8.94 0.45 8.03
HO6 MAN B . 9.93 -4.19 5.50
CA CA C . 8.02 -19.61 6.04
CA CA D . 2.09 -4.88 12.33
C1 PGE E . -19.33 12.87 3.42
O1 PGE E . -18.78 14.20 3.35
C2 PGE E . -18.95 12.04 4.64
O2 PGE E . -20.08 11.83 5.52
C3 PGE E . -20.83 12.55 6.68
C4 PGE E . -21.39 14.06 6.67
O4 PGE E . -25.48 13.48 8.39
C6 PGE E . -24.41 14.40 8.73
C5 PGE E . -23.55 14.89 7.57
O3 PGE E . -22.19 14.69 7.79
H1 PGE E . -20.43 12.92 3.39
H12 PGE E . -19.03 12.27 2.54
HO1 PGE E . -18.38 14.31 2.49
H2 PGE E . -18.14 12.54 5.18
H22 PGE E . -18.55 11.08 4.29
H3 PGE E . -21.75 11.95 6.79
H32 PGE E . -20.30 12.38 7.62
H4 PGE E . -20.59 14.71 6.39
H42 PGE E . -22.04 14.07 5.77
HO4 PGE E . -25.67 12.96 9.18
H6 PGE E . -23.72 13.90 9.42
H62 PGE E . -24.81 15.28 9.24
H5 PGE E . -23.77 15.96 7.41
H52 PGE E . -23.89 14.37 6.67
#